data_7ELT
#
_entry.id   7ELT
#
_cell.length_a   61.405
_cell.length_b   61.405
_cell.length_c   334.947
_cell.angle_alpha   90.000
_cell.angle_beta   90.000
_cell.angle_gamma   120.000
#
_symmetry.space_group_name_H-M   'P 65 2 2'
#
loop_
_entity.id
_entity.type
_entity.pdbx_description
1 polymer 'Tryptophan--tRNA ligase'
2 non-polymer "TRYPTOPHANYL-5'AMP"
3 water water
#
_entity_poly.entity_id   1
_entity_poly.type   'polypeptide(L)'
_entity_poly.pdbx_seq_one_letter_code
;MSTPTGSRRIFSGVQPTSDSLHLGNALGAVAQWVGLQDDHDAFFCVVDLHAITIPQDPEALRRRTLITAAQYLALGIDPG
RATIFVQSQVPAHTQLAWVLGCFTGFGQASRMTQFKDKSARQGSEATTVGLFTYPVLQAADVLAYDTELVPVGEDQRQHL
ELARDVAQRFNSRFPGTLVVPDVLIPKMTAKIYDLQDPTSKMSKSAGTDAGLINLLDDPALSAKKIRSAVTDSERDIRYD
PDVKPGVSNLLNIQSAVTGTDIDVLVDGYAGHGYGDLKKDTAEAVVEFVNPIQARVDELTADPAELEAVLAAGAQRAHDV
ASKTVQRVYDRLGFLLLEHHHHHH
;
_entity_poly.pdbx_strand_id   A
#
loop_
_chem_comp.id
_chem_comp.type
_chem_comp.name
_chem_comp.formula
TYM non-polymer TRYPTOPHANYL-5'AMP 'C21 H24 N7 O8 P'
#
# COMPACT_ATOMS: atom_id res chain seq x y z
N SER A 7 -2.83 16.64 -13.99
CA SER A 7 -4.12 15.96 -13.90
C SER A 7 -3.89 14.46 -14.14
N ARG A 8 -5.01 13.72 -14.19
CA ARG A 8 -5.00 12.30 -13.85
C ARG A 8 -4.28 12.09 -12.52
N ARG A 9 -4.50 13.05 -11.62
CA ARG A 9 -3.87 13.08 -10.30
C ARG A 9 -4.12 11.77 -9.54
N ILE A 10 -3.06 11.24 -8.96
CA ILE A 10 -3.15 9.98 -8.22
C ILE A 10 -2.47 10.08 -6.86
N PHE A 11 -3.03 9.38 -5.88
CA PHE A 11 -2.51 9.34 -4.51
C PHE A 11 -2.48 7.93 -3.97
N SER A 12 -1.42 7.57 -3.24
CA SER A 12 -1.40 6.28 -2.55
C SER A 12 -0.37 6.32 -1.42
N GLY A 13 -0.55 5.46 -0.42
CA GLY A 13 0.28 5.50 0.76
C GLY A 13 0.56 4.11 1.30
N VAL A 14 1.68 4.01 2.04
CA VAL A 14 2.09 2.80 2.75
C VAL A 14 2.54 3.18 4.16
N GLN A 15 2.20 2.37 5.14
CA GLN A 15 2.58 2.61 6.53
C GLN A 15 4.05 2.18 6.77
N PRO A 16 4.84 3.01 7.43
CA PRO A 16 6.22 2.59 7.76
C PRO A 16 6.25 1.76 9.05
N THR A 17 5.54 0.64 9.05
CA THR A 17 5.43 -0.15 10.28
C THR A 17 6.44 -1.27 10.39
N SER A 18 7.26 -1.53 9.36
CA SER A 18 8.27 -2.56 9.49
C SER A 18 9.51 -2.19 8.69
N ASP A 19 10.57 -2.97 8.89
CA ASP A 19 11.83 -2.73 8.22
C ASP A 19 11.82 -3.11 6.75
N SER A 20 10.74 -3.68 6.25
CA SER A 20 10.67 -4.05 4.84
C SER A 20 9.22 -4.08 4.38
N LEU A 21 8.96 -3.65 3.14
CA LEU A 21 7.71 -4.01 2.50
C LEU A 21 7.73 -5.50 2.14
N HIS A 22 6.56 -6.07 1.87
CA HIS A 22 6.48 -7.46 1.43
C HIS A 22 5.88 -7.52 0.01
N LEU A 23 5.79 -8.74 -0.53
CA LEU A 23 5.36 -8.88 -1.93
C LEU A 23 3.95 -8.35 -2.14
N GLY A 24 3.10 -8.43 -1.11
CA GLY A 24 1.79 -7.81 -1.21
C GLY A 24 1.86 -6.33 -1.53
N ASN A 25 2.67 -5.58 -0.76
CA ASN A 25 2.83 -4.15 -1.01
C ASN A 25 3.40 -3.89 -2.40
N ALA A 26 4.44 -4.63 -2.76
CA ALA A 26 5.14 -4.35 -4.02
C ALA A 26 4.29 -4.66 -5.23
N LEU A 27 3.56 -5.79 -5.20
CA LEU A 27 2.82 -6.23 -6.39
C LEU A 27 1.37 -5.76 -6.37
N GLY A 28 0.78 -5.61 -5.19
CA GLY A 28 -0.58 -5.11 -5.10
C GLY A 28 -0.70 -3.61 -5.23
N ALA A 29 0.38 -2.89 -4.95
CA ALA A 29 0.31 -1.44 -4.96
C ALA A 29 1.42 -0.85 -5.81
N VAL A 30 2.67 -0.94 -5.34
CA VAL A 30 3.72 -0.14 -5.96
C VAL A 30 3.92 -0.49 -7.42
N ALA A 31 3.72 -1.77 -7.81
CA ALA A 31 3.89 -2.11 -9.22
C ALA A 31 2.95 -1.30 -10.09
N GLN A 32 1.72 -1.09 -9.62
CA GLN A 32 0.78 -0.30 -10.40
C GLN A 32 1.17 1.18 -10.37
N TRP A 33 1.68 1.67 -9.23
CA TRP A 33 2.19 3.04 -9.17
C TRP A 33 3.22 3.29 -10.27
N VAL A 34 4.18 2.37 -10.40
CA VAL A 34 5.24 2.53 -11.39
C VAL A 34 4.64 2.64 -12.79
N GLY A 35 3.63 1.81 -13.08
CA GLY A 35 3.00 1.85 -14.38
C GLY A 35 2.22 3.12 -14.64
N LEU A 36 1.73 3.78 -13.57
CA LEU A 36 0.91 4.97 -13.70
C LEU A 36 1.70 6.29 -13.72
N GLN A 37 2.90 6.32 -13.13
CA GLN A 37 3.53 7.60 -12.84
C GLN A 37 3.92 8.38 -14.09
N ASP A 38 4.16 7.73 -15.22
CA ASP A 38 4.64 8.46 -16.39
C ASP A 38 3.54 9.30 -17.05
N ASP A 39 2.28 8.90 -16.94
CA ASP A 39 1.17 9.66 -17.50
C ASP A 39 0.13 10.08 -16.48
N HIS A 40 0.38 9.86 -15.19
CA HIS A 40 -0.48 10.36 -14.13
C HIS A 40 0.35 11.23 -13.19
N ASP A 41 -0.24 12.33 -12.71
CA ASP A 41 0.41 13.22 -11.73
C ASP A 41 0.28 12.60 -10.35
N ALA A 42 1.38 12.08 -9.81
CA ALA A 42 1.27 11.13 -8.69
C ALA A 42 1.89 11.65 -7.40
N PHE A 43 1.19 11.42 -6.29
CA PHE A 43 1.64 11.75 -4.94
C PHE A 43 1.73 10.44 -4.16
N PHE A 44 2.95 10.05 -3.76
CA PHE A 44 3.12 8.81 -3.02
C PHE A 44 3.64 9.11 -1.63
N CYS A 45 2.95 8.59 -0.62
CA CYS A 45 3.08 9.06 0.75
C CYS A 45 3.52 7.94 1.68
N VAL A 46 4.39 8.27 2.63
CA VAL A 46 4.73 7.35 3.71
C VAL A 46 3.89 7.80 4.90
N VAL A 47 2.94 6.98 5.33
CA VAL A 47 1.95 7.53 6.25
C VAL A 47 2.32 7.23 7.70
N ASP A 48 3.24 8.05 8.24
CA ASP A 48 3.69 7.88 9.62
C ASP A 48 2.63 8.29 10.64
N LEU A 49 1.67 9.15 10.30
CA LEU A 49 0.61 9.45 11.26
C LEU A 49 -0.29 8.24 11.47
N HIS A 50 -0.52 7.46 10.41
CA HIS A 50 -1.30 6.24 10.57
C HIS A 50 -0.54 5.20 11.37
N ALA A 51 0.79 5.20 11.26
CA ALA A 51 1.58 4.16 11.92
C ALA A 51 1.37 4.18 13.43
N ILE A 52 1.25 5.37 14.02
CA ILE A 52 1.14 5.48 15.48
C ILE A 52 -0.27 5.20 15.99
N THR A 53 -1.17 4.74 15.13
CA THR A 53 -2.42 4.24 15.72
C THR A 53 -2.20 2.97 16.53
N ILE A 54 -1.03 2.35 16.40
CA ILE A 54 -0.51 1.27 17.22
C ILE A 54 0.77 1.81 17.83
N PRO A 55 1.13 1.50 19.08
CA PRO A 55 2.38 2.05 19.62
C PRO A 55 3.60 1.67 18.79
N GLN A 56 4.49 2.65 18.58
CA GLN A 56 5.67 2.49 17.72
C GLN A 56 6.92 2.93 18.47
N ASP A 57 8.00 2.19 18.29
CA ASP A 57 9.28 2.61 18.83
C ASP A 57 9.80 3.81 18.03
N PRO A 58 10.12 4.92 18.68
CA PRO A 58 10.48 6.14 17.90
C PRO A 58 11.68 5.97 16.98
N GLU A 59 12.78 5.39 17.47
CA GLU A 59 13.94 5.21 16.61
C GLU A 59 13.62 4.36 15.41
N ALA A 60 12.86 3.27 15.62
CA ALA A 60 12.47 2.40 14.51
C ALA A 60 11.54 3.14 13.55
N LEU A 61 10.61 3.92 14.08
CA LEU A 61 9.65 4.60 13.21
C LEU A 61 10.36 5.58 12.28
N ARG A 62 11.36 6.31 12.78
CA ARG A 62 12.08 7.24 11.91
C ARG A 62 12.87 6.49 10.86
N ARG A 63 13.55 5.42 11.28
CA ARG A 63 14.35 4.64 10.34
C ARG A 63 13.48 3.99 9.27
N ARG A 64 12.31 3.49 9.66
CA ARG A 64 11.41 2.81 8.74
C ARG A 64 10.68 3.78 7.81
N THR A 65 10.45 5.01 8.26
CA THR A 65 9.95 6.04 7.36
C THR A 65 10.91 6.22 6.18
N LEU A 66 12.20 6.36 6.48
CA LEU A 66 13.20 6.50 5.41
C LEU A 66 13.23 5.24 4.55
N ILE A 67 13.22 4.06 5.17
CA ILE A 67 13.43 2.85 4.39
C ILE A 67 12.22 2.55 3.52
N THR A 68 11.03 2.98 3.94
CA THR A 68 9.85 2.81 3.11
C THR A 68 9.92 3.69 1.87
N ALA A 69 10.29 4.96 2.05
CA ALA A 69 10.52 5.84 0.91
C ALA A 69 11.64 5.32 0.02
N ALA A 70 12.71 4.79 0.63
CA ALA A 70 13.79 4.20 -0.17
C ALA A 70 13.29 3.04 -1.03
N GLN A 71 12.40 2.21 -0.49
CA GLN A 71 11.88 1.10 -1.26
C GLN A 71 10.99 1.58 -2.42
N TYR A 72 10.27 2.70 -2.24
CA TYR A 72 9.58 3.33 -3.37
C TYR A 72 10.53 3.56 -4.52
N LEU A 73 11.62 4.29 -4.26
CA LEU A 73 12.61 4.57 -5.30
C LEU A 73 13.19 3.27 -5.86
N ALA A 74 13.56 2.34 -4.99
CA ALA A 74 14.16 1.09 -5.44
C ALA A 74 13.18 0.21 -6.22
N LEU A 75 11.87 0.38 -6.02
CA LEU A 75 10.89 -0.36 -6.81
C LEU A 75 10.58 0.31 -8.13
N GLY A 76 11.17 1.47 -8.41
CA GLY A 76 11.00 2.15 -9.68
C GLY A 76 10.27 3.47 -9.63
N ILE A 77 9.81 3.92 -8.45
CA ILE A 77 9.19 5.24 -8.39
C ILE A 77 10.23 6.29 -8.74
N ASP A 78 9.85 7.20 -9.63
CA ASP A 78 10.77 8.16 -10.23
C ASP A 78 10.54 9.55 -9.64
N PRO A 79 11.44 10.08 -8.81
CA PRO A 79 11.20 11.40 -8.21
C PRO A 79 11.22 12.53 -9.20
N GLY A 80 11.73 12.29 -10.43
CA GLY A 80 11.60 13.28 -11.47
C GLY A 80 10.22 13.37 -12.05
N ARG A 81 9.39 12.34 -11.82
CA ARG A 81 8.04 12.29 -12.35
C ARG A 81 6.96 12.26 -11.28
N ALA A 82 7.29 11.85 -10.05
CA ALA A 82 6.31 11.71 -8.98
C ALA A 82 6.79 12.42 -7.72
N THR A 83 5.84 12.68 -6.83
CA THR A 83 6.11 13.34 -5.55
C THR A 83 6.06 12.30 -4.43
N ILE A 84 7.17 12.16 -3.70
CA ILE A 84 7.25 11.25 -2.56
C ILE A 84 7.42 12.10 -1.31
N PHE A 85 6.60 11.84 -0.29
CA PHE A 85 6.70 12.68 0.89
C PHE A 85 6.19 11.95 2.12
N VAL A 86 6.46 12.55 3.28
CA VAL A 86 6.10 11.97 4.57
C VAL A 86 4.86 12.68 5.10
N GLN A 87 3.86 11.87 5.48
CA GLN A 87 2.53 12.38 5.83
C GLN A 87 2.57 13.46 6.90
N SER A 88 3.32 13.22 7.97
CA SER A 88 3.35 14.14 9.10
C SER A 88 3.94 15.49 8.75
N GLN A 89 4.68 15.59 7.64
CA GLN A 89 5.31 16.84 7.26
C GLN A 89 4.38 17.81 6.54
N VAL A 90 3.12 17.43 6.34
CA VAL A 90 2.18 18.29 5.64
C VAL A 90 0.96 18.48 6.53
N PRO A 91 0.86 19.61 7.23
CA PRO A 91 -0.21 19.80 8.22
C PRO A 91 -1.61 19.67 7.65
N ALA A 92 -1.79 19.96 6.34
CA ALA A 92 -3.12 19.94 5.74
C ALA A 92 -3.83 18.61 5.95
N HIS A 93 -3.08 17.51 6.08
CA HIS A 93 -3.73 16.21 6.24
C HIS A 93 -4.59 16.19 7.49
N THR A 94 -4.03 16.66 8.61
CA THR A 94 -4.80 16.62 9.86
C THR A 94 -5.89 17.68 9.88
N GLN A 95 -5.68 18.81 9.20
CA GLN A 95 -6.71 19.84 9.12
C GLN A 95 -7.94 19.30 8.38
N LEU A 96 -7.72 18.74 7.21
CA LEU A 96 -8.84 18.13 6.48
C LEU A 96 -9.41 16.92 7.22
N ALA A 97 -8.58 16.15 7.94
CA ALA A 97 -9.14 15.03 8.68
C ALA A 97 -10.15 15.50 9.71
N TRP A 98 -9.86 16.61 10.39
CA TRP A 98 -10.82 17.13 11.38
C TRP A 98 -12.14 17.44 10.70
N VAL A 99 -12.09 18.18 9.60
CA VAL A 99 -13.32 18.56 8.90
C VAL A 99 -14.09 17.33 8.45
N LEU A 100 -13.39 16.37 7.84
CA LEU A 100 -14.09 15.21 7.31
C LEU A 100 -14.69 14.36 8.41
N GLY A 101 -14.08 14.37 9.61
CA GLY A 101 -14.69 13.70 10.74
C GLY A 101 -16.06 14.27 11.05
N CYS A 102 -16.26 15.56 10.80
CA CYS A 102 -17.54 16.19 11.03
C CYS A 102 -18.58 15.79 9.99
N PHE A 103 -18.17 15.06 8.95
CA PHE A 103 -19.09 14.59 7.92
C PHE A 103 -19.10 13.08 7.80
N THR A 104 -18.50 12.38 8.75
CA THR A 104 -18.44 10.93 8.78
C THR A 104 -19.36 10.45 9.88
N GLY A 105 -20.19 9.46 9.57
CA GLY A 105 -21.05 8.90 10.60
C GLY A 105 -20.28 8.08 11.61
N PHE A 106 -20.70 8.17 12.88
CA PHE A 106 -20.10 7.33 13.92
C PHE A 106 -20.36 5.85 13.65
N GLY A 107 -21.61 5.50 13.36
CA GLY A 107 -21.90 4.12 12.97
C GLY A 107 -21.13 3.71 11.72
N GLN A 108 -21.04 4.62 10.75
CA GLN A 108 -20.29 4.37 9.52
C GLN A 108 -18.85 3.95 9.81
N ALA A 109 -18.16 4.71 10.67
CA ALA A 109 -16.78 4.39 11.03
C ALA A 109 -16.69 3.08 11.80
N SER A 110 -17.64 2.82 12.69
CA SER A 110 -17.56 1.61 13.49
C SER A 110 -17.76 0.35 12.66
N ARG A 111 -18.28 0.46 11.45
CA ARG A 111 -18.52 -0.72 10.62
C ARG A 111 -17.32 -1.09 9.76
N MET A 112 -16.22 -0.35 9.84
CA MET A 112 -15.04 -0.68 9.04
C MET A 112 -14.41 -1.99 9.54
N THR A 113 -14.15 -2.90 8.61
CA THR A 113 -13.55 -4.19 8.98
C THR A 113 -12.23 -4.00 9.69
N GLN A 114 -11.39 -3.09 9.20
CA GLN A 114 -10.07 -2.88 9.79
C GLN A 114 -10.19 -2.54 11.27
N PHE A 115 -11.07 -1.62 11.57
CA PHE A 115 -11.26 -1.25 12.92
C PHE A 115 -11.57 -2.47 13.71
N LYS A 116 -12.59 -3.23 13.37
CA LYS A 116 -12.90 -4.43 14.13
C LYS A 116 -11.73 -5.43 14.27
N ASP A 117 -11.04 -5.75 13.19
CA ASP A 117 -9.92 -6.66 13.25
C ASP A 117 -8.83 -6.10 14.16
N LYS A 118 -8.42 -4.86 13.89
CA LYS A 118 -7.40 -4.20 14.67
C LYS A 118 -7.70 -4.02 16.14
N SER A 119 -8.99 -3.86 16.43
CA SER A 119 -9.49 -3.70 17.78
C SER A 119 -9.36 -5.05 18.45
N ALA A 120 -9.72 -6.10 17.77
CA ALA A 120 -9.58 -7.44 18.33
C ALA A 120 -8.14 -7.78 18.76
N ARG A 121 -7.14 -7.36 17.99
CA ARG A 121 -5.73 -7.64 18.30
C ARG A 121 -5.22 -6.77 19.41
N GLN A 122 -5.76 -5.59 19.55
CA GLN A 122 -5.24 -4.70 20.57
C GLN A 122 -5.93 -4.91 21.87
N GLY A 123 -7.18 -5.34 21.79
CA GLY A 123 -7.99 -5.59 22.96
C GLY A 123 -8.82 -4.38 23.32
N SER A 124 -10.01 -4.61 23.85
CA SER A 124 -10.91 -3.51 24.18
C SER A 124 -10.74 -2.82 25.54
N GLU A 125 -10.79 -1.50 25.41
CA GLU A 125 -10.55 -0.37 26.36
C GLU A 125 -9.06 -0.02 26.24
N ALA A 126 -8.38 -0.66 25.29
CA ALA A 126 -7.01 -0.48 24.98
C ALA A 126 -7.15 0.01 23.53
N THR A 127 -8.35 -0.10 22.97
CA THR A 127 -8.60 0.38 21.62
C THR A 127 -8.69 1.91 21.71
N THR A 128 -7.96 2.61 20.84
CA THR A 128 -7.95 4.07 20.89
C THR A 128 -8.73 4.78 19.78
N VAL A 129 -9.04 6.05 20.03
CA VAL A 129 -9.76 6.90 19.11
C VAL A 129 -9.08 6.90 17.74
N GLY A 130 -7.74 6.90 17.73
CA GLY A 130 -7.03 6.97 16.47
C GLY A 130 -7.26 5.75 15.60
N LEU A 131 -7.31 4.56 16.22
CA LEU A 131 -7.65 3.36 15.46
C LEU A 131 -9.04 3.47 14.85
N PHE A 132 -9.96 4.15 15.53
CA PHE A 132 -11.32 4.36 15.07
C PHE A 132 -11.41 5.42 13.98
N THR A 133 -10.66 6.52 14.12
CA THR A 133 -10.72 7.58 13.12
C THR A 133 -9.77 7.34 11.95
N TYR A 134 -9.00 6.24 11.97
CA TYR A 134 -8.08 5.90 10.89
C TYR A 134 -8.64 6.20 9.48
N PRO A 135 -9.82 5.72 9.10
CA PRO A 135 -10.26 5.94 7.71
C PRO A 135 -10.61 7.37 7.40
N VAL A 136 -10.88 8.18 8.42
CA VAL A 136 -11.14 9.59 8.16
C VAL A 136 -9.85 10.30 7.77
N LEU A 137 -8.76 10.00 8.46
CA LEU A 137 -7.48 10.57 8.05
C LEU A 137 -7.09 10.04 6.67
N GLN A 138 -7.37 8.77 6.41
CA GLN A 138 -7.06 8.22 5.09
C GLN A 138 -7.85 8.93 3.99
N ALA A 139 -9.11 9.25 4.26
CA ALA A 139 -9.90 10.02 3.30
C ALA A 139 -9.28 11.37 3.06
N ALA A 140 -8.84 12.03 4.14
CA ALA A 140 -8.17 13.33 4.03
C ALA A 140 -6.90 13.25 3.19
N ASP A 141 -6.07 12.21 3.43
CA ASP A 141 -4.87 12.02 2.62
C ASP A 141 -5.18 12.12 1.12
N VAL A 142 -6.25 11.46 0.70
CA VAL A 142 -6.60 11.39 -0.72
C VAL A 142 -7.20 12.71 -1.20
N LEU A 143 -8.22 13.20 -0.48
CA LEU A 143 -8.99 14.35 -0.97
C LEU A 143 -8.18 15.64 -0.94
N ALA A 144 -7.14 15.70 -0.11
CA ALA A 144 -6.32 16.91 -0.04
C ALA A 144 -5.67 17.26 -1.38
N TYR A 145 -5.45 16.27 -2.24
CA TYR A 145 -4.71 16.50 -3.49
C TYR A 145 -5.61 16.53 -4.72
N ASP A 146 -6.91 16.73 -4.53
CA ASP A 146 -7.86 16.68 -5.65
C ASP A 146 -7.68 15.40 -6.46
N THR A 147 -7.47 14.30 -5.73
CA THR A 147 -7.06 13.04 -6.35
C THR A 147 -8.17 12.47 -7.25
N GLU A 148 -7.80 12.14 -8.50
CA GLU A 148 -8.75 11.49 -9.39
C GLU A 148 -8.75 9.97 -9.27
N LEU A 149 -7.61 9.32 -8.97
CA LEU A 149 -7.58 7.86 -8.88
C LEU A 149 -6.61 7.41 -7.81
N VAL A 150 -6.97 6.33 -7.12
CA VAL A 150 -6.20 5.80 -5.99
C VAL A 150 -5.84 4.34 -6.25
N PRO A 151 -4.57 4.04 -6.52
CA PRO A 151 -4.18 2.64 -6.76
C PRO A 151 -3.75 1.92 -5.48
N VAL A 152 -4.50 0.87 -5.10
CA VAL A 152 -4.26 0.10 -3.88
C VAL A 152 -4.55 -1.38 -4.12
N GLY A 153 -4.27 -2.19 -3.11
CA GLY A 153 -4.77 -3.55 -3.06
C GLY A 153 -6.20 -3.61 -2.52
N GLU A 154 -6.76 -4.83 -2.56
CA GLU A 154 -8.16 -5.05 -2.18
C GLU A 154 -8.45 -4.67 -0.73
N ASP A 155 -7.48 -4.86 0.17
CA ASP A 155 -7.73 -4.60 1.58
C ASP A 155 -8.04 -3.13 1.87
N GLN A 156 -7.75 -2.22 0.94
CA GLN A 156 -8.03 -0.80 1.17
C GLN A 156 -9.39 -0.36 0.61
N ARG A 157 -10.12 -1.26 -0.06
CA ARG A 157 -11.33 -0.86 -0.76
C ARG A 157 -12.36 -0.24 0.17
N GLN A 158 -12.63 -0.88 1.30
CA GLN A 158 -13.72 -0.40 2.15
C GLN A 158 -13.42 1.00 2.68
N HIS A 159 -12.17 1.27 3.04
CA HIS A 159 -11.82 2.61 3.51
C HIS A 159 -11.99 3.65 2.41
N LEU A 160 -11.66 3.31 1.16
CA LEU A 160 -11.79 4.30 0.10
C LEU A 160 -13.24 4.53 -0.28
N GLU A 161 -14.10 3.53 -0.07
CA GLU A 161 -15.53 3.77 -0.29
C GLU A 161 -16.08 4.76 0.74
N LEU A 162 -15.56 4.71 1.97
CA LEU A 162 -15.92 5.74 2.95
C LEU A 162 -15.44 7.11 2.48
N ALA A 163 -14.19 7.19 2.01
CA ALA A 163 -13.67 8.45 1.49
C ALA A 163 -14.58 9.02 0.41
N ARG A 164 -15.03 8.17 -0.52
CA ARG A 164 -15.92 8.63 -1.57
C ARG A 164 -17.28 9.07 -0.99
N ASP A 165 -17.82 8.27 -0.08
CA ASP A 165 -19.09 8.62 0.54
C ASP A 165 -18.98 9.97 1.24
N VAL A 166 -17.91 10.17 2.01
CA VAL A 166 -17.78 11.42 2.76
C VAL A 166 -17.57 12.61 1.81
N ALA A 167 -16.79 12.42 0.75
CA ALA A 167 -16.61 13.51 -0.21
C ALA A 167 -17.93 13.89 -0.86
N GLN A 168 -18.76 12.89 -1.20
CA GLN A 168 -20.05 13.17 -1.81
C GLN A 168 -20.96 13.92 -0.83
N ARG A 169 -20.98 13.49 0.43
CA ARG A 169 -21.77 14.16 1.45
C ARG A 169 -21.33 15.61 1.64
N PHE A 170 -20.02 15.84 1.73
CA PHE A 170 -19.53 17.22 1.81
C PHE A 170 -19.94 18.01 0.58
N ASN A 171 -19.73 17.46 -0.62
CA ASN A 171 -20.09 18.19 -1.83
C ASN A 171 -21.58 18.47 -1.89
N SER A 172 -22.39 17.61 -1.28
CA SER A 172 -23.83 17.82 -1.22
C SER A 172 -24.15 19.18 -0.60
N ARG A 173 -23.46 19.53 0.47
CA ARG A 173 -23.67 20.81 1.11
C ARG A 173 -22.87 21.92 0.46
N PHE A 174 -21.73 21.60 -0.15
CA PHE A 174 -20.80 22.59 -0.70
C PHE A 174 -20.42 22.13 -2.10
N PRO A 175 -21.29 22.36 -3.08
CA PRO A 175 -21.09 21.74 -4.40
C PRO A 175 -19.74 22.05 -5.01
N GLY A 176 -19.11 21.00 -5.56
CA GLY A 176 -17.91 21.14 -6.36
C GLY A 176 -16.65 21.42 -5.59
N THR A 177 -16.63 21.18 -4.27
CA THR A 177 -15.45 21.53 -3.50
C THR A 177 -14.36 20.44 -3.57
N LEU A 178 -14.73 19.18 -3.43
CA LEU A 178 -13.77 18.09 -3.36
C LEU A 178 -13.90 17.18 -4.58
N VAL A 179 -12.77 16.64 -5.03
CA VAL A 179 -12.79 15.65 -6.10
C VAL A 179 -13.15 14.30 -5.49
N VAL A 180 -14.14 13.61 -6.07
CA VAL A 180 -14.49 12.27 -5.65
C VAL A 180 -13.57 11.30 -6.40
N PRO A 181 -12.70 10.56 -5.71
CA PRO A 181 -11.71 9.75 -6.41
C PRO A 181 -12.25 8.41 -6.86
N ASP A 182 -11.69 7.90 -7.95
CA ASP A 182 -11.98 6.54 -8.37
C ASP A 182 -10.96 5.59 -7.74
N VAL A 183 -11.41 4.37 -7.45
CA VAL A 183 -10.58 3.35 -6.81
C VAL A 183 -10.05 2.41 -7.89
N LEU A 184 -8.73 2.21 -7.92
CA LEU A 184 -8.09 1.40 -8.96
C LEU A 184 -7.38 0.22 -8.30
N ILE A 185 -7.99 -0.96 -8.37
CA ILE A 185 -7.50 -2.15 -7.69
C ILE A 185 -7.28 -3.21 -8.75
N PRO A 186 -6.06 -3.71 -8.92
CA PRO A 186 -5.79 -4.68 -10.00
C PRO A 186 -6.48 -6.00 -9.73
N LYS A 187 -6.70 -6.76 -10.81
CA LYS A 187 -7.39 -8.04 -10.64
C LYS A 187 -6.44 -9.13 -10.16
N MET A 188 -5.31 -9.29 -10.83
CA MET A 188 -4.42 -10.42 -10.54
C MET A 188 -3.75 -10.28 -9.19
N THR A 189 -3.26 -9.08 -8.87
CA THR A 189 -2.47 -8.88 -7.66
C THR A 189 -3.25 -8.18 -6.55
N ALA A 190 -4.59 -8.17 -6.62
CA ALA A 190 -5.40 -7.50 -5.58
C ALA A 190 -5.09 -8.06 -4.20
N LYS A 191 -4.77 -9.34 -4.12
CA LYS A 191 -4.41 -9.99 -2.85
C LYS A 191 -3.29 -10.99 -3.16
N ILE A 192 -2.10 -10.75 -2.63
CA ILE A 192 -1.05 -11.76 -2.61
C ILE A 192 -1.22 -12.52 -1.31
N TYR A 193 -1.24 -13.85 -1.37
CA TYR A 193 -1.59 -14.64 -0.21
C TYR A 193 -0.35 -15.20 0.49
N ASP A 194 -0.51 -15.46 1.79
CA ASP A 194 0.57 -16.05 2.58
C ASP A 194 0.90 -17.43 2.02
N LEU A 195 2.20 -17.75 2.00
CA LEU A 195 2.65 -18.98 1.36
C LEU A 195 2.36 -20.23 2.19
N GLN A 196 2.16 -20.08 3.49
CA GLN A 196 1.84 -21.22 4.35
C GLN A 196 0.36 -21.39 4.57
N ASP A 197 -0.42 -20.31 4.48
CA ASP A 197 -1.88 -20.37 4.50
C ASP A 197 -2.37 -19.58 3.30
N PRO A 198 -2.50 -20.22 2.13
CA PRO A 198 -2.82 -19.48 0.91
C PRO A 198 -4.22 -18.90 0.86
N THR A 199 -5.02 -19.04 1.92
CA THR A 199 -6.31 -18.40 1.99
C THR A 199 -6.30 -17.10 2.79
N SER A 200 -5.18 -16.76 3.42
CA SER A 200 -5.01 -15.50 4.13
C SER A 200 -4.06 -14.60 3.36
N LYS A 201 -4.35 -13.30 3.36
CA LYS A 201 -3.52 -12.38 2.61
C LYS A 201 -2.16 -12.25 3.29
N MET A 202 -1.12 -12.10 2.48
CA MET A 202 0.22 -11.90 3.02
C MET A 202 0.26 -10.62 3.86
N SER A 203 0.61 -10.77 5.13
CA SER A 203 0.64 -9.63 6.02
C SER A 203 1.56 -9.91 7.18
N LYS A 204 2.14 -8.84 7.71
CA LYS A 204 3.08 -8.93 8.82
C LYS A 204 2.48 -9.47 10.12
N SER A 205 1.16 -9.43 10.26
CA SER A 205 0.55 -9.91 11.47
C SER A 205 0.22 -11.40 11.39
N ALA A 206 0.82 -12.12 10.46
CA ALA A 206 0.62 -13.55 10.23
C ALA A 206 0.84 -14.51 11.38
N GLY A 207 1.78 -14.24 12.26
CA GLY A 207 1.96 -15.17 13.36
C GLY A 207 3.44 -15.46 13.36
N THR A 208 3.83 -16.17 12.32
CA THR A 208 5.21 -16.39 12.00
C THR A 208 5.41 -15.77 10.59
N ASP A 209 6.62 -15.52 10.19
CA ASP A 209 6.84 -14.94 8.92
C ASP A 209 7.26 -15.99 7.89
N ALA A 210 6.97 -17.25 8.16
CA ALA A 210 7.40 -18.31 7.26
C ALA A 210 6.70 -18.22 5.91
N GLY A 211 5.46 -17.71 5.88
CA GLY A 211 4.72 -17.53 4.65
C GLY A 211 4.80 -16.14 4.07
N LEU A 212 5.65 -15.28 4.62
CA LEU A 212 5.74 -13.88 4.26
C LEU A 212 7.04 -13.62 3.53
N ILE A 213 6.97 -12.91 2.40
CA ILE A 213 8.13 -12.61 1.59
C ILE A 213 8.42 -11.12 1.72
N ASN A 214 9.45 -10.78 2.49
CA ASN A 214 9.91 -9.41 2.64
C ASN A 214 10.88 -9.06 1.53
N LEU A 215 10.66 -7.90 0.91
CA LEU A 215 11.54 -7.43 -0.15
C LEU A 215 12.99 -7.40 0.29
N LEU A 216 13.27 -6.98 1.51
CA LEU A 216 14.65 -6.74 1.93
C LEU A 216 15.25 -7.89 2.71
N ASP A 217 14.54 -8.99 2.90
CA ASP A 217 15.12 -10.16 3.55
C ASP A 217 16.22 -10.78 2.68
N ASP A 218 17.10 -11.51 3.34
CA ASP A 218 18.11 -12.28 2.64
C ASP A 218 17.45 -13.10 1.51
N PRO A 219 17.84 -12.89 0.25
CA PRO A 219 17.10 -13.56 -0.84
C PRO A 219 17.06 -15.08 -0.74
N ALA A 220 18.14 -15.70 -0.24
CA ALA A 220 18.13 -17.15 -0.08
C ALA A 220 17.08 -17.58 0.92
N LEU A 221 16.80 -16.73 1.92
CA LEU A 221 15.74 -17.04 2.88
C LEU A 221 14.38 -16.97 2.22
N SER A 222 14.13 -15.92 1.43
CA SER A 222 12.85 -15.85 0.72
C SER A 222 12.70 -17.02 -0.23
N ALA A 223 13.79 -17.41 -0.91
CA ALA A 223 13.70 -18.56 -1.81
C ALA A 223 13.35 -19.83 -1.05
N LYS A 224 13.86 -19.98 0.15
CA LYS A 224 13.48 -21.12 0.91
C LYS A 224 12.00 -21.16 1.21
N LYS A 225 11.49 -20.03 1.67
CA LYS A 225 10.07 -19.95 2.00
C LYS A 225 9.21 -20.34 0.80
N ILE A 226 9.60 -19.87 -0.40
CA ILE A 226 8.82 -20.16 -1.59
C ILE A 226 8.87 -21.64 -1.91
N ARG A 227 10.04 -22.28 -1.77
CA ARG A 227 10.13 -23.71 -2.03
C ARG A 227 9.26 -24.51 -1.07
N SER A 228 8.97 -23.97 0.11
CA SER A 228 8.14 -24.65 1.09
C SER A 228 6.67 -24.28 0.97
N ALA A 229 6.28 -23.56 -0.09
CA ALA A 229 4.91 -23.07 -0.17
C ALA A 229 3.91 -24.21 -0.21
N VAL A 230 2.77 -24.00 0.42
CA VAL A 230 1.70 -24.99 0.42
C VAL A 230 1.04 -25.02 -0.95
N THR A 231 0.84 -26.22 -1.49
CA THR A 231 0.16 -26.35 -2.77
C THR A 231 -1.10 -27.20 -2.62
N ASP A 232 -1.16 -28.30 -3.35
CA ASP A 232 -2.27 -29.24 -3.25
C ASP A 232 -1.76 -30.61 -3.64
N SER A 233 -2.69 -31.56 -3.81
CA SER A 233 -2.32 -32.93 -4.15
C SER A 233 -2.62 -33.27 -5.60
N GLU A 234 -2.91 -32.27 -6.43
CA GLU A 234 -3.44 -32.51 -7.78
C GLU A 234 -2.35 -32.76 -8.83
N ARG A 235 -1.14 -32.24 -8.62
CA ARG A 235 -0.06 -32.36 -9.62
C ARG A 235 -0.45 -31.75 -10.97
N ASP A 236 -1.21 -30.66 -10.94
CA ASP A 236 -1.65 -30.01 -12.18
C ASP A 236 -1.51 -28.51 -11.99
N ILE A 237 -0.64 -27.89 -12.78
CA ILE A 237 -0.43 -26.45 -12.71
C ILE A 237 -1.52 -25.77 -13.53
N ARG A 238 -2.43 -25.09 -12.85
CA ARG A 238 -3.61 -24.51 -13.46
C ARG A 238 -4.09 -23.35 -12.59
N TYR A 239 -4.52 -22.26 -13.23
CA TYR A 239 -4.91 -21.07 -12.49
C TYR A 239 -6.35 -21.21 -12.01
N ASP A 240 -6.54 -21.33 -10.70
CA ASP A 240 -7.88 -21.37 -10.14
C ASP A 240 -7.85 -20.97 -8.68
N PRO A 241 -7.90 -19.68 -8.39
CA PRO A 241 -7.72 -19.22 -7.00
C PRO A 241 -8.68 -19.87 -6.01
N ASP A 242 -9.90 -20.20 -6.43
CA ASP A 242 -10.89 -20.71 -5.50
C ASP A 242 -10.57 -22.14 -5.06
N VAL A 243 -10.19 -23.01 -6.00
CA VAL A 243 -9.99 -24.42 -5.65
C VAL A 243 -8.51 -24.71 -5.45
N LYS A 244 -7.62 -23.96 -6.10
CA LYS A 244 -6.17 -24.16 -6.01
C LYS A 244 -5.49 -22.89 -5.51
N PRO A 245 -5.65 -22.55 -4.22
CA PRO A 245 -5.11 -21.27 -3.74
C PRO A 245 -3.60 -21.15 -3.84
N GLY A 246 -2.85 -22.13 -3.31
CA GLY A 246 -1.41 -21.99 -3.26
C GLY A 246 -0.76 -22.02 -4.63
N VAL A 247 -1.24 -22.89 -5.52
CA VAL A 247 -0.72 -22.94 -6.87
C VAL A 247 -1.00 -21.63 -7.61
N SER A 248 -2.23 -21.13 -7.49
CA SER A 248 -2.60 -19.89 -8.17
C SER A 248 -1.79 -18.71 -7.66
N ASN A 249 -1.58 -18.64 -6.34
CA ASN A 249 -0.81 -17.55 -5.76
C ASN A 249 0.63 -17.55 -6.29
N LEU A 250 1.25 -18.73 -6.37
CA LEU A 250 2.61 -18.82 -6.89
C LEU A 250 2.66 -18.36 -8.35
N LEU A 251 1.69 -18.77 -9.16
CA LEU A 251 1.63 -18.32 -10.54
C LEU A 251 1.46 -16.80 -10.61
N ASN A 252 0.54 -16.29 -9.80
CA ASN A 252 0.36 -14.85 -9.66
C ASN A 252 1.67 -14.14 -9.39
N ILE A 253 2.41 -14.62 -8.40
CA ILE A 253 3.66 -13.97 -8.00
C ILE A 253 4.67 -14.02 -9.14
N GLN A 254 4.89 -15.22 -9.69
CA GLN A 254 5.89 -15.35 -10.75
C GLN A 254 5.51 -14.51 -11.97
N SER A 255 4.23 -14.52 -12.34
CA SER A 255 3.77 -13.67 -13.44
C SER A 255 4.04 -12.20 -13.14
N ALA A 256 3.77 -11.75 -11.92
CA ALA A 256 3.87 -10.32 -11.63
C ALA A 256 5.32 -9.85 -11.64
N VAL A 257 6.25 -10.65 -11.13
CA VAL A 257 7.65 -10.24 -11.07
C VAL A 257 8.38 -10.48 -12.40
N THR A 258 7.85 -11.33 -13.28
CA THR A 258 8.51 -11.55 -14.57
C THR A 258 7.86 -10.79 -15.71
N GLY A 259 6.57 -10.51 -15.62
CA GLY A 259 5.85 -9.89 -16.72
C GLY A 259 5.23 -10.87 -17.69
N THR A 260 5.39 -12.16 -17.47
CA THR A 260 4.78 -13.18 -18.32
C THR A 260 3.32 -13.40 -17.93
N ASP A 261 2.42 -13.36 -18.91
CA ASP A 261 1.01 -13.62 -18.61
C ASP A 261 0.85 -14.99 -17.99
N ILE A 262 -0.18 -15.13 -17.15
CA ILE A 262 -0.42 -16.39 -16.46
C ILE A 262 -0.73 -17.52 -17.44
N ASP A 263 -1.71 -17.28 -18.33
CA ASP A 263 -2.12 -18.33 -19.27
C ASP A 263 -0.93 -18.80 -20.11
N VAL A 264 0.08 -17.94 -20.32
CA VAL A 264 1.28 -18.37 -21.01
C VAL A 264 2.15 -19.21 -20.09
N LEU A 265 2.32 -18.77 -18.83
CA LEU A 265 3.01 -19.60 -17.85
C LEU A 265 2.31 -20.95 -17.71
N VAL A 266 0.99 -20.94 -17.59
CA VAL A 266 0.24 -22.19 -17.37
C VAL A 266 0.44 -23.13 -18.53
N ASP A 267 0.33 -22.62 -19.76
CA ASP A 267 0.53 -23.44 -20.94
C ASP A 267 1.96 -23.99 -20.96
N GLY A 268 2.95 -23.15 -20.66
CA GLY A 268 4.33 -23.57 -20.62
C GLY A 268 4.66 -24.53 -19.50
N TYR A 269 3.77 -24.69 -18.53
CA TYR A 269 3.99 -25.59 -17.39
C TYR A 269 3.35 -26.97 -17.61
N ALA A 270 2.78 -27.22 -18.79
CA ALA A 270 2.17 -28.52 -19.04
C ALA A 270 3.21 -29.62 -18.87
N GLY A 271 2.82 -30.69 -18.18
CA GLY A 271 3.73 -31.79 -17.90
C GLY A 271 4.65 -31.62 -16.72
N HIS A 272 4.72 -30.42 -16.14
CA HIS A 272 5.60 -30.13 -15.00
C HIS A 272 4.89 -30.36 -13.67
N GLY A 273 5.68 -30.67 -12.64
CA GLY A 273 5.19 -30.76 -11.28
C GLY A 273 5.39 -29.45 -10.51
N TYR A 274 4.97 -29.48 -9.24
CA TYR A 274 5.03 -28.27 -8.43
C TYR A 274 6.44 -27.93 -8.01
N GLY A 275 7.36 -28.89 -8.05
CA GLY A 275 8.75 -28.58 -7.74
C GLY A 275 9.29 -27.51 -8.66
N ASP A 276 8.97 -27.59 -9.96
CA ASP A 276 9.47 -26.61 -10.91
C ASP A 276 8.74 -25.28 -10.78
N LEU A 277 7.44 -25.32 -10.46
CA LEU A 277 6.72 -24.07 -10.19
C LEU A 277 7.36 -23.31 -9.04
N LYS A 278 7.63 -23.99 -7.92
CA LYS A 278 8.24 -23.33 -6.77
C LYS A 278 9.67 -22.91 -7.07
N LYS A 279 10.45 -23.78 -7.72
CA LYS A 279 11.83 -23.44 -8.04
C LYS A 279 11.90 -22.19 -8.93
N ASP A 280 11.07 -22.16 -9.97
CA ASP A 280 11.11 -21.02 -10.88
C ASP A 280 10.62 -19.75 -10.19
N THR A 281 9.53 -19.85 -9.43
CA THR A 281 9.05 -18.69 -8.69
C THR A 281 10.11 -18.19 -7.70
N ALA A 282 10.75 -19.10 -6.98
CA ALA A 282 11.82 -18.67 -6.08
C ALA A 282 12.92 -17.95 -6.86
N GLU A 283 13.31 -18.50 -8.01
CA GLU A 283 14.37 -17.87 -8.79
C GLU A 283 13.95 -16.49 -9.29
N ALA A 284 12.71 -16.37 -9.76
CA ALA A 284 12.24 -15.06 -10.23
C ALA A 284 12.18 -14.04 -9.09
N VAL A 285 11.79 -14.49 -7.89
CA VAL A 285 11.72 -13.56 -6.76
C VAL A 285 13.12 -13.10 -6.36
N VAL A 286 14.10 -14.02 -6.36
CA VAL A 286 15.47 -13.63 -6.03
C VAL A 286 15.98 -12.58 -7.01
N GLU A 287 15.70 -12.77 -8.30
CA GLU A 287 16.11 -11.77 -9.29
C GLU A 287 15.37 -10.46 -9.11
N PHE A 288 14.17 -10.52 -8.55
CA PHE A 288 13.37 -9.32 -8.32
C PHE A 288 13.94 -8.49 -7.17
N VAL A 289 14.28 -9.14 -6.05
CA VAL A 289 14.65 -8.40 -4.85
C VAL A 289 16.12 -7.98 -4.83
N ASN A 290 17.00 -8.68 -5.57
CA ASN A 290 18.41 -8.32 -5.50
C ASN A 290 18.69 -6.90 -5.96
N PRO A 291 18.14 -6.40 -7.08
CA PRO A 291 18.35 -4.99 -7.44
C PRO A 291 17.68 -4.04 -6.48
N ILE A 292 16.53 -4.41 -5.92
CA ILE A 292 15.87 -3.53 -4.94
C ILE A 292 16.80 -3.33 -3.75
N GLN A 293 17.37 -4.43 -3.25
CA GLN A 293 18.20 -4.35 -2.06
C GLN A 293 19.46 -3.54 -2.33
N ALA A 294 20.02 -3.67 -3.52
CA ALA A 294 21.20 -2.89 -3.86
C ALA A 294 20.90 -1.40 -3.81
N ARG A 295 19.73 -1.00 -4.33
CA ARG A 295 19.39 0.43 -4.33
C ARG A 295 19.10 0.92 -2.92
N VAL A 296 18.33 0.13 -2.15
CA VAL A 296 18.00 0.51 -0.78
C VAL A 296 19.27 0.64 0.06
N ASP A 297 20.22 -0.27 -0.13
CA ASP A 297 21.47 -0.17 0.63
C ASP A 297 22.17 1.15 0.35
N GLU A 298 22.21 1.58 -0.92
CA GLU A 298 22.88 2.84 -1.25
C GLU A 298 22.11 4.04 -0.73
N LEU A 299 20.77 4.00 -0.81
CA LEU A 299 19.96 5.10 -0.29
C LEU A 299 20.08 5.23 1.22
N THR A 300 20.35 4.12 1.91
CA THR A 300 20.54 4.14 3.36
C THR A 300 21.95 4.60 3.73
N ALA A 301 22.96 4.11 3.01
CA ALA A 301 24.34 4.47 3.35
C ALA A 301 24.67 5.89 2.96
N ASP A 302 24.02 6.41 1.91
CA ASP A 302 24.27 7.75 1.37
C ASP A 302 22.94 8.49 1.41
N PRO A 303 22.54 8.98 2.59
CA PRO A 303 21.15 9.41 2.79
C PRO A 303 20.78 10.76 2.20
N ALA A 304 21.74 11.59 1.78
CA ALA A 304 21.40 12.95 1.37
C ALA A 304 20.45 12.96 0.17
N GLU A 305 20.58 12.00 -0.74
CA GLU A 305 19.73 11.96 -1.92
C GLU A 305 18.27 11.79 -1.53
N LEU A 306 17.97 10.78 -0.69
CA LEU A 306 16.60 10.53 -0.29
C LEU A 306 16.05 11.68 0.54
N GLU A 307 16.89 12.31 1.39
CA GLU A 307 16.40 13.44 2.20
C GLU A 307 16.02 14.61 1.31
N ALA A 308 16.78 14.85 0.24
CA ALA A 308 16.40 15.90 -0.70
C ALA A 308 15.08 15.58 -1.40
N VAL A 309 14.87 14.31 -1.74
CA VAL A 309 13.63 13.94 -2.43
C VAL A 309 12.43 14.19 -1.52
N LEU A 310 12.55 13.85 -0.23
CA LEU A 310 11.44 14.01 0.70
C LEU A 310 11.18 15.48 1.02
N ALA A 311 12.24 16.28 1.13
CA ALA A 311 12.09 17.72 1.33
C ALA A 311 11.37 18.36 0.15
N ALA A 312 11.80 18.03 -1.07
CA ALA A 312 11.12 18.53 -2.26
C ALA A 312 9.67 18.08 -2.29
N GLY A 313 9.42 16.82 -1.96
CA GLY A 313 8.06 16.30 -2.00
C GLY A 313 7.16 16.95 -0.97
N ALA A 314 7.67 17.18 0.24
CA ALA A 314 6.87 17.86 1.25
C ALA A 314 6.51 19.28 0.82
N GLN A 315 7.46 19.97 0.19
CA GLN A 315 7.17 21.33 -0.27
C GLN A 315 6.05 21.31 -1.31
N ARG A 316 6.16 20.43 -2.30
CA ARG A 316 5.14 20.39 -3.34
C ARG A 316 3.81 19.88 -2.78
N ALA A 317 3.85 18.91 -1.88
CA ALA A 317 2.60 18.43 -1.28
C ALA A 317 1.95 19.53 -0.45
N HIS A 318 2.74 20.29 0.30
CA HIS A 318 2.17 21.38 1.08
C HIS A 318 1.53 22.43 0.18
N ASP A 319 2.20 22.79 -0.93
CA ASP A 319 1.67 23.80 -1.85
C ASP A 319 0.31 23.40 -2.41
N VAL A 320 0.11 22.11 -2.69
CA VAL A 320 -1.18 21.66 -3.21
C VAL A 320 -2.20 21.52 -2.08
N ALA A 321 -1.84 20.81 -1.01
CA ALA A 321 -2.84 20.43 -0.02
C ALA A 321 -3.30 21.62 0.81
N SER A 322 -2.43 22.60 1.03
CA SER A 322 -2.84 23.79 1.78
C SER A 322 -3.91 24.58 1.03
N LYS A 323 -3.87 24.59 -0.31
CA LYS A 323 -4.91 25.28 -1.08
C LYS A 323 -6.23 24.55 -0.98
N THR A 324 -6.20 23.20 -0.96
CA THR A 324 -7.42 22.45 -0.75
C THR A 324 -8.04 22.79 0.61
N VAL A 325 -7.21 22.86 1.65
CA VAL A 325 -7.72 23.20 2.98
C VAL A 325 -8.37 24.58 2.96
N GLN A 326 -7.70 25.57 2.34
CA GLN A 326 -8.26 26.93 2.34
C GLN A 326 -9.58 26.98 1.58
N ARG A 327 -9.69 26.20 0.50
CA ARG A 327 -10.96 26.08 -0.22
C ARG A 327 -12.03 25.51 0.68
N VAL A 328 -11.71 24.43 1.41
CA VAL A 328 -12.67 23.78 2.29
C VAL A 328 -13.07 24.71 3.43
N TYR A 329 -12.07 25.37 4.04
CA TYR A 329 -12.30 26.31 5.13
C TYR A 329 -13.20 27.47 4.68
N ASP A 330 -12.97 27.98 3.48
CA ASP A 330 -13.80 29.05 2.95
C ASP A 330 -15.25 28.59 2.78
N ARG A 331 -15.46 27.42 2.18
CA ARG A 331 -16.83 26.92 2.00
C ARG A 331 -17.54 26.73 3.34
N LEU A 332 -16.81 26.26 4.36
CA LEU A 332 -17.42 26.06 5.67
C LEU A 332 -17.78 27.38 6.34
N GLY A 333 -17.15 28.47 5.91
CA GLY A 333 -17.39 29.76 6.52
C GLY A 333 -16.42 30.16 7.61
N PHE A 334 -15.26 29.52 7.69
CA PHE A 334 -14.24 29.95 8.65
C PHE A 334 -13.69 31.30 8.23
N LEU A 335 -13.42 32.13 9.22
CA LEU A 335 -12.67 33.36 9.00
C LEU A 335 -11.25 33.01 8.53
N LEU A 336 -10.84 33.61 7.42
CA LEU A 336 -9.59 33.23 6.77
C LEU A 336 -8.42 34.10 7.22
P TYM B . -0.51 -0.85 3.99
O1P TYM B . 0.78 -0.10 4.27
O2P TYM B . -1.00 -1.94 4.91
O5' TYM B . -0.46 -1.38 2.54
C5' TYM B . 0.07 -0.67 1.50
C4' TYM B . -0.45 -1.07 0.14
O4' TYM B . -0.18 -2.42 -0.11
C1' TYM B . -1.35 -3.13 -0.34
N9 TYM B . -1.25 -4.51 0.15
C4 TYM B . -1.49 -5.59 -0.53
N3 TYM B . -1.88 -5.92 -1.77
C2 TYM B . -2.07 -7.15 -2.13
N1 TYM B . -1.83 -8.16 -1.34
C6 TYM B . -1.48 -8.04 -0.09
N6 TYM B . -1.27 -9.10 0.66
C5 TYM B . -1.28 -6.69 0.40
N7 TYM B . -0.91 -6.16 1.54
C8 TYM B . -0.91 -4.85 1.38
C2' TYM B . -2.50 -2.30 0.27
O2' TYM B . -3.76 -2.54 -0.30
C3' TYM B . -1.98 -0.90 0.02
O3' TYM B . -2.41 -0.43 -1.24
NH3 TYM B . -4.07 2.56 5.23
CA TYM B . -3.15 2.14 4.18
CB TYM B . -2.24 3.28 3.81
CG TYM B . -2.86 4.59 3.48
CD2 TYM B . -3.38 4.93 2.17
CE2 TYM B . -3.82 6.31 2.27
CE3 TYM B . -3.49 4.22 1.02
CD1 TYM B . -3.00 5.75 4.21
NE1 TYM B . -3.56 6.71 3.48
CZ2 TYM B . -4.39 6.85 1.14
CZ3 TYM B . -4.08 4.84 -0.07
CH2 TYM B . -4.51 6.12 0.00
C TYM B . -2.29 1.03 4.68
O TYM B . -2.13 0.82 5.81
OPP TYM B . -1.66 0.19 3.76
#